data_1M5L
#
_entry.id   1M5L
#
_entity_poly.entity_id   1
_entity_poly.type   'polyribonucleotide'
_entity_poly.pdbx_seq_one_letter_code
;GCGCAGGACUCGGCUUCUUCGGAAGGGACGAGGGGCGC
;
_entity_poly.pdbx_strand_id   A
#